data_3UB9
#
_entry.id   3UB9
#
_cell.length_a   79.611
_cell.length_b   81.539
_cell.length_c   94.554
_cell.angle_alpha   90.00
_cell.angle_beta   90.00
_cell.angle_gamma   90.00
#
_symmetry.space_group_name_H-M   'P 21 21 21'
#
loop_
_entity.id
_entity.type
_entity.pdbx_description
1 polymer 'chemoreceptor TlpB'
2 non-polymer N-HYDROXYUREA
3 non-polymer 'SULFATE ION'
4 non-polymer GLYCEROL
5 water water
#
_entity_poly.entity_id   1
_entity_poly.type   'polypeptide(L)'
_entity_poly.pdbx_seq_one_letter_code
;GSKVMQKDVLAQLMEHLETGQYKKREKTLAYMTKILEQGIHEYYKSFDNDTARKMALDYFKRINDDKGMIYMVVVDKNGV
VLFDPVNPKTVGQSGLDAQSVDGVYYVRGYLEAAKKGGGYTYYKMPKYDGGVPEKKFAYSHYDEVSQMVIAATSYYTDIN
TENKAIKEGVNKVFNENTTRL
;
_entity_poly.pdbx_strand_id   A,B
#
loop_
_chem_comp.id
_chem_comp.type
_chem_comp.name
_chem_comp.formula
GOL non-polymer GLYCEROL 'C3 H8 O3'
NHY non-polymer N-HYDROXYUREA 'C H4 N2 O2'
SO4 non-polymer 'SULFATE ION' 'O4 S -2'
#
# COMPACT_ATOMS: atom_id res chain seq x y z
N ALA A 11 -13.44 4.34 -28.19
CA ALA A 11 -13.68 5.55 -27.34
C ALA A 11 -14.48 5.21 -26.08
N GLN A 12 -15.63 4.55 -26.27
CA GLN A 12 -16.48 4.12 -25.15
C GLN A 12 -15.72 3.14 -24.25
N LEU A 13 -14.93 2.26 -24.87
CA LEU A 13 -14.13 1.26 -24.15
C LEU A 13 -13.10 1.95 -23.28
N MET A 14 -12.34 2.88 -23.88
CA MET A 14 -11.34 3.63 -23.15
C MET A 14 -11.96 4.45 -21.99
N GLU A 15 -13.13 5.04 -22.20
CA GLU A 15 -13.78 5.81 -21.12
C GLU A 15 -14.16 4.92 -19.92
N HIS A 16 -14.80 3.80 -20.19
CA HIS A 16 -15.25 2.88 -19.15
C HIS A 16 -14.01 2.24 -18.49
N LEU A 17 -12.93 2.06 -19.25
CA LEU A 17 -11.72 1.50 -18.69
C LEU A 17 -11.10 2.50 -17.69
N GLU A 18 -11.02 3.75 -18.09
CA GLU A 18 -10.44 4.78 -17.26
C GLU A 18 -11.25 4.95 -15.98
N THR A 19 -12.57 5.04 -16.11
CA THR A 19 -13.45 5.12 -14.96
C THR A 19 -13.28 3.93 -14.01
N GLY A 20 -13.16 2.74 -14.58
CA GLY A 20 -12.99 1.55 -13.75
C GLY A 20 -11.64 1.55 -13.04
N GLN A 21 -10.61 2.08 -13.69
CA GLN A 21 -9.29 2.20 -13.06
C GLN A 21 -9.31 3.19 -11.91
N TYR A 22 -10.08 4.26 -12.05
CA TYR A 22 -10.22 5.24 -10.96
C TYR A 22 -10.97 4.64 -9.77
N LYS A 23 -12.04 3.92 -10.04
CA LYS A 23 -12.80 3.26 -8.98
C LYS A 23 -11.93 2.22 -8.25
N LYS A 24 -11.12 1.49 -9.02
CA LYS A 24 -10.20 0.53 -8.40
C LYS A 24 -9.23 1.22 -7.46
N ARG A 25 -8.68 2.34 -7.91
CA ARG A 25 -7.75 3.10 -7.07
C ARG A 25 -8.43 3.63 -5.82
N GLU A 26 -9.68 4.06 -5.93
CA GLU A 26 -10.43 4.43 -4.73
C GLU A 26 -10.40 3.30 -3.68
N LYS A 27 -10.67 2.07 -4.11
CA LYS A 27 -10.66 0.97 -3.18
C LYS A 27 -9.24 0.71 -2.63
N THR A 28 -8.24 0.82 -3.49
CA THR A 28 -6.85 0.67 -3.08
C THR A 28 -6.53 1.65 -1.97
N LEU A 29 -6.97 2.91 -2.08
CA LEU A 29 -6.67 3.92 -1.07
CA LEU A 29 -6.60 3.86 -1.07
C LEU A 29 -7.29 3.57 0.27
N ALA A 30 -8.50 2.99 0.27
CA ALA A 30 -9.15 2.63 1.54
C ALA A 30 -8.32 1.52 2.20
N TYR A 31 -7.83 0.55 1.41
CA TYR A 31 -6.98 -0.52 1.93
C TYR A 31 -5.64 -0.01 2.45
N MET A 32 -4.99 0.85 1.67
CA MET A 32 -3.72 1.37 2.05
C MET A 32 -3.86 2.19 3.35
N THR A 33 -4.94 2.95 3.47
CA THR A 33 -5.14 3.71 4.69
C THR A 33 -5.23 2.78 5.91
N LYS A 34 -5.96 1.67 5.76
CA LYS A 34 -6.08 0.69 6.83
C LYS A 34 -4.72 0.16 7.22
N ILE A 35 -3.91 -0.29 6.25
CA ILE A 35 -2.63 -0.85 6.61
C ILE A 35 -1.66 0.21 7.15
N LEU A 36 -1.77 1.46 6.71
CA LEU A 36 -0.93 2.53 7.26
C LEU A 36 -1.31 2.78 8.73
N GLU A 37 -2.62 2.80 9.01
CA GLU A 37 -3.09 2.91 10.38
C GLU A 37 -2.52 1.79 11.24
N GLN A 38 -2.63 0.56 10.75
CA GLN A 38 -2.10 -0.57 11.52
C GLN A 38 -0.60 -0.43 11.77
N GLY A 39 0.13 0.15 10.83
CA GLY A 39 1.51 0.38 11.03
C GLY A 39 1.82 1.42 12.10
N ILE A 40 1.16 2.57 12.01
CA ILE A 40 1.44 3.62 13.00
C ILE A 40 0.90 3.23 14.40
N HIS A 41 -0.02 2.25 14.49
CA HIS A 41 -0.42 1.80 15.79
C HIS A 41 0.74 1.23 16.57
N GLU A 42 1.74 0.68 15.90
CA GLU A 42 2.96 0.21 16.60
C GLU A 42 3.64 1.37 17.33
N TYR A 43 3.60 2.55 16.71
CA TYR A 43 4.23 3.73 17.31
C TYR A 43 3.46 4.10 18.59
N TYR A 44 2.13 4.16 18.47
CA TYR A 44 1.29 4.56 19.59
C TYR A 44 1.29 3.54 20.73
N LYS A 45 1.51 2.27 20.43
CA LYS A 45 1.54 1.26 21.49
C LYS A 45 2.80 1.34 22.31
N SER A 46 3.88 1.89 21.74
CA SER A 46 5.19 1.73 22.31
CA SER A 46 5.20 1.73 22.34
C SER A 46 5.94 3.02 22.70
N PHE A 47 5.39 4.16 22.30
CA PHE A 47 6.00 5.48 22.54
C PHE A 47 4.94 6.40 23.13
N ASP A 48 5.37 7.43 23.85
CA ASP A 48 4.44 8.40 24.34
CA ASP A 48 4.42 8.41 24.35
C ASP A 48 3.71 9.12 23.21
N ASN A 49 2.57 9.74 23.52
CA ASN A 49 1.71 10.25 22.48
C ASN A 49 2.40 11.26 21.56
N ASP A 50 3.15 12.17 22.14
CA ASP A 50 3.82 13.18 21.32
C ASP A 50 4.88 12.58 20.40
N THR A 51 5.60 11.59 20.92
CA THR A 51 6.63 10.88 20.13
C THR A 51 5.98 10.05 19.02
N ALA A 52 4.90 9.34 19.35
CA ALA A 52 4.18 8.52 18.39
C ALA A 52 3.65 9.40 17.24
N ARG A 53 3.10 10.58 17.57
CA ARG A 53 2.61 11.45 16.52
C ARG A 53 3.77 11.93 15.62
N LYS A 54 4.87 12.33 16.24
CA LYS A 54 6.06 12.72 15.48
C LYS A 54 6.55 11.63 14.54
N MET A 55 6.51 10.40 15.02
CA MET A 55 6.93 9.28 14.19
C MET A 55 5.97 9.08 13.02
N ALA A 56 4.69 9.18 13.26
CA ALA A 56 3.67 9.06 12.21
C ALA A 56 3.88 10.13 11.13
N LEU A 57 4.08 11.37 11.56
CA LEU A 57 4.19 12.45 10.58
C LEU A 57 5.55 12.44 9.86
N ASP A 58 6.60 11.95 10.53
CA ASP A 58 7.90 11.75 9.84
C ASP A 58 7.77 10.64 8.78
N TYR A 59 7.05 9.58 9.13
CA TYR A 59 6.79 8.49 8.19
C TYR A 59 6.02 9.01 6.99
N PHE A 60 4.96 9.78 7.25
CA PHE A 60 4.15 10.28 6.15
C PHE A 60 4.96 11.24 5.25
N LYS A 61 5.86 12.04 5.84
CA LYS A 61 6.77 12.83 5.03
C LYS A 61 7.59 11.96 4.10
N ARG A 62 8.10 10.86 4.62
CA ARG A 62 8.85 9.94 3.81
C ARG A 62 8.03 9.30 2.68
N ILE A 63 6.78 8.98 2.95
CA ILE A 63 5.86 8.50 1.90
C ILE A 63 5.74 9.58 0.82
N ASN A 64 5.42 10.81 1.23
CA ASN A 64 5.21 11.83 0.22
C ASN A 64 6.51 12.08 -0.59
N ASP A 65 7.64 12.05 0.08
CA ASP A 65 8.94 12.26 -0.56
C ASP A 65 9.28 11.17 -1.57
N ASP A 66 8.64 10.02 -1.45
CA ASP A 66 8.82 8.91 -2.39
C ASP A 66 8.21 9.24 -3.77
N LYS A 67 7.25 10.17 -3.81
CA LYS A 67 6.64 10.63 -5.06
C LYS A 67 6.10 9.47 -5.90
N GLY A 68 5.38 8.59 -5.21
CA GLY A 68 4.81 7.38 -5.80
C GLY A 68 3.30 7.41 -5.87
N MET A 69 2.68 6.29 -5.50
CA MET A 69 1.26 6.11 -5.73
C MET A 69 0.40 7.07 -4.90
N ILE A 70 0.80 7.32 -3.66
CA ILE A 70 -0.03 8.05 -2.72
C ILE A 70 0.74 9.21 -2.06
N TYR A 71 -0.03 10.20 -1.62
CA TYR A 71 0.47 11.31 -0.84
C TYR A 71 -0.51 11.49 0.31
N MET A 72 0.01 11.61 1.51
CA MET A 72 -0.81 11.74 2.71
C MET A 72 -1.12 13.19 3.02
N VAL A 73 -2.28 13.38 3.66
CA VAL A 73 -2.69 14.63 4.30
C VAL A 73 -3.32 14.19 5.66
N VAL A 74 -3.08 14.95 6.72
CA VAL A 74 -3.66 14.63 8.02
C VAL A 74 -4.24 15.86 8.67
N VAL A 75 -5.43 15.70 9.24
CA VAL A 75 -6.06 16.75 10.03
C VAL A 75 -6.55 16.13 11.34
N ASP A 76 -6.77 16.94 12.36
CA ASP A 76 -7.42 16.46 13.54
C ASP A 76 -8.95 16.49 13.42
N LYS A 77 -9.66 15.95 14.43
CA LYS A 77 -11.12 15.77 14.30
C LYS A 77 -11.87 17.08 14.23
N ASN A 78 -11.20 18.15 14.66
CA ASN A 78 -11.73 19.50 14.58
C ASN A 78 -11.35 20.25 13.33
N GLY A 79 -10.52 19.65 12.49
CA GLY A 79 -10.12 20.27 11.23
C GLY A 79 -8.83 21.04 11.27
N VAL A 80 -8.07 20.93 12.35
CA VAL A 80 -6.71 21.55 12.39
C VAL A 80 -5.80 20.72 11.51
N VAL A 81 -5.09 21.37 10.60
CA VAL A 81 -4.19 20.66 9.71
C VAL A 81 -2.95 20.22 10.49
N LEU A 82 -2.64 18.92 10.44
CA LEU A 82 -1.48 18.36 11.09
C LEU A 82 -0.34 18.05 10.14
N PHE A 83 -0.66 17.81 8.86
CA PHE A 83 0.38 17.38 7.90
C PHE A 83 -0.13 17.69 6.51
N ASP A 84 0.63 18.49 5.76
CA ASP A 84 0.36 18.78 4.35
C ASP A 84 1.52 19.51 3.73
N PRO A 85 2.53 18.76 3.23
CA PRO A 85 3.68 19.45 2.69
C PRO A 85 3.46 20.33 1.46
N VAL A 86 2.33 20.15 0.77
CA VAL A 86 1.98 21.03 -0.34
C VAL A 86 1.60 22.44 0.15
N ASN A 87 1.04 22.49 1.37
CA ASN A 87 0.52 23.72 1.94
C ASN A 87 1.05 23.89 3.37
N PRO A 88 2.37 24.05 3.51
CA PRO A 88 3.01 23.98 4.81
C PRO A 88 2.55 25.03 5.81
N LYS A 89 2.14 26.18 5.31
CA LYS A 89 1.68 27.24 6.18
C LYS A 89 0.35 26.97 6.84
N THR A 90 -0.41 25.98 6.32
CA THR A 90 -1.66 25.63 6.94
C THR A 90 -1.48 24.75 8.18
N VAL A 91 -0.32 24.15 8.36
CA VAL A 91 -0.10 23.20 9.45
C VAL A 91 -0.19 23.96 10.78
N GLY A 92 -1.00 23.44 11.69
CA GLY A 92 -1.21 24.02 12.99
C GLY A 92 -2.39 24.98 13.09
N GLN A 93 -2.95 25.29 11.94
CA GLN A 93 -4.11 26.15 11.83
C GLN A 93 -5.39 25.38 11.49
N SER A 94 -6.54 25.93 11.87
CA SER A 94 -7.81 25.42 11.37
C SER A 94 -7.84 25.42 9.86
N GLY A 95 -8.24 24.30 9.26
CA GLY A 95 -8.46 24.24 7.85
C GLY A 95 -9.92 24.25 7.44
N LEU A 96 -10.82 24.61 8.37
CA LEU A 96 -12.24 24.57 8.06
C LEU A 96 -12.67 25.50 6.95
N ASP A 97 -11.94 26.59 6.76
CA ASP A 97 -12.25 27.53 5.69
C ASP A 97 -11.30 27.47 4.51
N ALA A 98 -10.43 26.46 4.50
CA ALA A 98 -9.51 26.27 3.42
C ALA A 98 -10.24 25.80 2.18
N GLN A 99 -9.93 26.42 1.05
CA GLN A 99 -10.50 25.99 -0.21
C GLN A 99 -9.40 25.65 -1.19
N SER A 100 -9.63 24.58 -1.95
CA SER A 100 -8.85 24.30 -3.14
C SER A 100 -9.09 25.39 -4.18
N VAL A 101 -8.28 25.39 -5.24
CA VAL A 101 -8.46 26.38 -6.28
C VAL A 101 -9.71 26.21 -7.12
N ASP A 102 -10.29 24.99 -7.08
CA ASP A 102 -11.57 24.71 -7.68
C ASP A 102 -12.75 24.85 -6.71
N GLY A 103 -12.50 25.49 -5.57
CA GLY A 103 -13.57 25.89 -4.68
C GLY A 103 -14.11 24.85 -3.73
N VAL A 104 -13.33 23.81 -3.49
CA VAL A 104 -13.75 22.74 -2.58
C VAL A 104 -13.17 22.95 -1.18
N TYR A 105 -14.02 22.86 -0.16
CA TYR A 105 -13.56 22.90 1.23
C TYR A 105 -13.03 21.52 1.56
N TYR A 106 -11.78 21.29 1.20
CA TYR A 106 -11.21 19.96 1.21
C TYR A 106 -11.15 19.37 2.62
N VAL A 107 -10.85 20.21 3.62
CA VAL A 107 -10.81 19.70 5.02
C VAL A 107 -12.21 19.32 5.51
N ARG A 108 -13.21 20.14 5.19
CA ARG A 108 -14.59 19.73 5.47
C ARG A 108 -14.90 18.40 4.83
N GLY A 109 -14.45 18.18 3.61
CA GLY A 109 -14.67 16.92 2.91
C GLY A 109 -14.03 15.79 3.66
N TYR A 110 -12.80 15.97 4.12
CA TYR A 110 -12.13 14.93 4.86
C TYR A 110 -12.94 14.53 6.11
N LEU A 111 -13.42 15.53 6.83
CA LEU A 111 -14.16 15.32 8.06
C LEU A 111 -15.50 14.68 7.81
N GLU A 112 -16.20 15.09 6.74
CA GLU A 112 -17.50 14.54 6.43
CA GLU A 112 -17.52 14.54 6.40
C GLU A 112 -17.38 13.06 6.07
N ALA A 113 -16.36 12.72 5.29
CA ALA A 113 -16.09 11.33 4.91
C ALA A 113 -15.77 10.50 6.15
N ALA A 114 -14.91 11.03 7.01
CA ALA A 114 -14.53 10.29 8.21
C ALA A 114 -15.71 10.04 9.14
N LYS A 115 -16.63 11.01 9.25
CA LYS A 115 -17.75 10.86 10.16
CA LYS A 115 -17.80 10.90 10.11
C LYS A 115 -18.68 9.72 9.68
N LYS A 116 -18.67 9.44 8.37
CA LYS A 116 -19.45 8.33 7.76
C LYS A 116 -18.75 6.96 7.83
N GLY A 117 -17.55 6.91 8.43
CA GLY A 117 -16.78 5.70 8.51
C GLY A 117 -15.70 5.53 7.47
N GLY A 118 -15.49 6.59 6.69
CA GLY A 118 -14.52 6.60 5.58
C GLY A 118 -15.21 7.00 4.30
N GLY A 119 -14.50 7.76 3.50
CA GLY A 119 -15.01 8.14 2.19
C GLY A 119 -14.10 9.10 1.46
N TYR A 120 -14.66 9.72 0.42
CA TYR A 120 -13.87 10.36 -0.62
C TYR A 120 -14.18 11.86 -0.75
N THR A 121 -13.12 12.60 -1.09
CA THR A 121 -13.19 14.03 -1.37
C THR A 121 -12.41 14.29 -2.67
N TYR A 122 -13.00 15.10 -3.53
CA TYR A 122 -12.49 15.34 -4.88
C TYR A 122 -12.20 16.81 -5.05
N TYR A 123 -10.99 17.14 -5.51
CA TYR A 123 -10.58 18.53 -5.58
C TYR A 123 -9.27 18.64 -6.36
N LYS A 124 -8.86 19.87 -6.68
CA LYS A 124 -7.59 20.13 -7.35
C LYS A 124 -6.57 20.65 -6.35
N MET A 125 -5.34 20.24 -6.56
CA MET A 125 -4.23 20.67 -5.72
C MET A 125 -2.96 20.40 -6.48
N PRO A 126 -1.89 21.19 -6.23
CA PRO A 126 -0.59 20.82 -6.76
C PRO A 126 -0.08 19.54 -6.14
N LYS A 127 0.92 18.95 -6.78
CA LYS A 127 1.68 17.86 -6.19
C LYS A 127 2.74 18.32 -5.22
N TYR A 128 3.17 19.56 -5.32
CA TYR A 128 4.16 20.17 -4.45
C TYR A 128 3.87 21.65 -4.33
N ASP A 129 4.36 22.27 -3.25
CA ASP A 129 4.11 23.67 -2.97
C ASP A 129 4.57 24.55 -4.14
N GLY A 130 3.65 25.31 -4.70
CA GLY A 130 3.93 26.19 -5.82
C GLY A 130 3.76 25.58 -7.19
N GLY A 131 3.40 24.30 -7.26
CA GLY A 131 3.24 23.62 -8.54
C GLY A 131 1.89 23.89 -9.21
N VAL A 132 1.74 23.31 -10.40
CA VAL A 132 0.49 23.42 -11.15
C VAL A 132 -0.59 22.56 -10.48
N PRO A 133 -1.78 23.14 -10.28
CA PRO A 133 -2.84 22.37 -9.65
C PRO A 133 -3.35 21.26 -10.56
N GLU A 134 -3.65 20.11 -9.99
CA GLU A 134 -4.27 19.08 -10.78
CA GLU A 134 -4.03 18.86 -10.66
C GLU A 134 -5.24 18.25 -9.98
N LYS A 135 -6.11 17.62 -10.76
CA LYS A 135 -7.22 16.89 -10.15
C LYS A 135 -6.72 15.69 -9.34
N LYS A 136 -7.29 15.54 -8.16
CA LYS A 136 -6.95 14.45 -7.26
C LYS A 136 -8.16 14.02 -6.44
N PHE A 137 -7.97 12.96 -5.66
CA PHE A 137 -8.96 12.57 -4.67
CA PHE A 137 -8.97 12.57 -4.67
C PHE A 137 -8.28 12.05 -3.42
N ALA A 138 -9.03 12.11 -2.33
CA ALA A 138 -8.60 11.65 -1.04
C ALA A 138 -9.58 10.64 -0.48
N TYR A 139 -9.06 9.58 0.10
CA TYR A 139 -9.83 8.72 1.01
C TYR A 139 -9.45 9.12 2.41
N SER A 140 -10.43 9.48 3.25
CA SER A 140 -10.12 9.81 4.64
C SER A 140 -10.86 8.90 5.63
N HIS A 141 -10.28 8.74 6.79
CA HIS A 141 -10.76 7.86 7.83
C HIS A 141 -10.24 8.34 9.16
N TYR A 142 -11.09 8.27 10.18
CA TYR A 142 -10.69 8.59 11.56
C TYR A 142 -10.06 7.38 12.25
N ASP A 143 -8.78 7.51 12.57
CA ASP A 143 -8.07 6.48 13.30
C ASP A 143 -8.25 6.71 14.79
N GLU A 144 -8.94 5.81 15.47
CA GLU A 144 -9.27 5.89 16.85
CA GLU A 144 -9.21 6.06 16.88
C GLU A 144 -8.02 5.93 17.77
N VAL A 145 -7.00 5.15 17.41
CA VAL A 145 -5.80 5.04 18.23
C VAL A 145 -5.04 6.38 18.25
N SER A 146 -4.73 6.91 17.07
CA SER A 146 -3.97 8.16 16.96
C SER A 146 -4.81 9.42 17.14
N GLN A 147 -6.13 9.27 17.01
CA GLN A 147 -7.06 10.38 17.03
C GLN A 147 -6.71 11.38 15.96
N MET A 148 -6.39 10.85 14.77
CA MET A 148 -6.14 11.66 13.59
C MET A 148 -7.09 11.24 12.48
N VAL A 149 -7.51 12.21 11.66
CA VAL A 149 -8.19 11.98 10.38
C VAL A 149 -7.12 11.89 9.33
N ILE A 150 -6.87 10.65 8.89
CA ILE A 150 -5.84 10.34 7.94
C ILE A 150 -6.42 10.26 6.55
N ALA A 151 -5.76 10.93 5.60
CA ALA A 151 -6.18 10.95 4.21
C ALA A 151 -5.04 10.42 3.33
N ALA A 152 -5.31 9.34 2.60
CA ALA A 152 -4.45 8.89 1.53
C ALA A 152 -4.97 9.47 0.25
N THR A 153 -4.10 10.03 -0.59
CA THR A 153 -4.55 10.73 -1.78
C THR A 153 -3.78 10.29 -3.01
N SER A 154 -4.43 10.37 -4.17
CA SER A 154 -3.77 10.10 -5.44
C SER A 154 -4.24 11.11 -6.49
N TYR A 155 -3.34 11.37 -7.43
CA TYR A 155 -3.56 12.27 -8.57
C TYR A 155 -3.97 11.47 -9.80
N TYR A 156 -4.97 11.96 -10.51
CA TYR A 156 -5.42 11.28 -11.70
C TYR A 156 -4.30 11.13 -12.75
N THR A 157 -3.43 12.14 -12.87
CA THR A 157 -2.29 12.03 -13.80
CA THR A 157 -2.37 12.04 -13.82
C THR A 157 -1.45 10.81 -13.51
N ASP A 158 -1.23 10.53 -12.24
CA ASP A 158 -0.40 9.43 -11.85
C ASP A 158 -1.09 8.10 -12.10
N ILE A 159 -2.39 8.04 -11.85
CA ILE A 159 -3.18 6.81 -12.15
C ILE A 159 -3.07 6.51 -13.64
N ASN A 160 -3.20 7.56 -14.45
CA ASN A 160 -3.09 7.39 -15.89
C ASN A 160 -1.70 6.92 -16.30
N THR A 161 -0.66 7.51 -15.71
CA THR A 161 0.71 7.05 -15.97
C THR A 161 0.89 5.57 -15.69
N GLU A 162 0.42 5.17 -14.54
CA GLU A 162 0.52 3.78 -14.12
C GLU A 162 -0.20 2.82 -15.03
N ASN A 163 -1.28 3.27 -15.64
CA ASN A 163 -2.12 2.46 -16.48
C ASN A 163 -1.81 2.64 -17.97
N LYS A 164 -0.72 3.36 -18.30
CA LYS A 164 -0.40 3.73 -19.69
C LYS A 164 -0.11 2.48 -20.54
N ALA A 165 0.67 1.54 -20.00
CA ALA A 165 1.00 0.31 -20.73
C ALA A 165 -0.26 -0.52 -21.03
N ILE A 166 -1.18 -0.60 -20.04
CA ILE A 166 -2.47 -1.25 -20.24
C ILE A 166 -3.23 -0.58 -21.39
N LYS A 167 -3.25 0.75 -21.40
CA LYS A 167 -3.98 1.53 -22.40
C LYS A 167 -3.38 1.30 -23.78
N GLU A 168 -2.05 1.31 -23.84
CA GLU A 168 -1.35 1.11 -25.12
C GLU A 168 -1.55 -0.31 -25.66
N GLY A 169 -1.66 -1.29 -24.78
CA GLY A 169 -1.93 -2.67 -25.20
C GLY A 169 -3.33 -2.86 -25.76
N VAL A 170 -4.32 -2.22 -25.14
CA VAL A 170 -5.72 -2.28 -25.60
C VAL A 170 -5.85 -1.61 -26.97
N ASN A 171 -5.19 -0.47 -27.11
CA ASN A 171 -5.12 0.23 -28.40
C ASN A 171 -4.43 -0.60 -29.48
N LYS A 172 -3.34 -1.27 -29.12
CA LYS A 172 -2.65 -2.16 -30.06
C LYS A 172 -3.55 -3.36 -30.41
N LEU B 10 -11.92 -9.88 -28.90
CA LEU B 10 -12.23 -9.78 -27.45
C LEU B 10 -11.27 -10.66 -26.63
N ALA B 11 -11.01 -11.90 -27.06
CA ALA B 11 -10.07 -12.78 -26.34
C ALA B 11 -8.63 -12.26 -26.21
N GLN B 12 -8.08 -11.76 -27.32
CA GLN B 12 -6.73 -11.17 -27.33
C GLN B 12 -6.68 -9.92 -26.44
N LEU B 13 -7.74 -9.10 -26.54
CA LEU B 13 -7.95 -7.93 -25.70
C LEU B 13 -7.87 -8.29 -24.21
N MET B 14 -8.67 -9.29 -23.82
CA MET B 14 -8.78 -9.70 -22.42
C MET B 14 -7.46 -10.26 -21.93
N GLU B 15 -6.72 -10.95 -22.81
CA GLU B 15 -5.43 -11.53 -22.45
C GLU B 15 -4.38 -10.46 -22.16
N HIS B 16 -4.27 -9.48 -23.05
CA HIS B 16 -3.26 -8.43 -22.92
C HIS B 16 -3.67 -7.53 -21.72
N LEU B 17 -4.96 -7.36 -21.52
CA LEU B 17 -5.46 -6.62 -20.36
C LEU B 17 -5.06 -7.28 -19.03
N GLU B 18 -5.34 -8.57 -18.90
CA GLU B 18 -4.97 -9.33 -17.72
C GLU B 18 -3.46 -9.29 -17.47
N THR B 19 -2.66 -9.53 -18.49
CA THR B 19 -1.20 -9.48 -18.37
C THR B 19 -0.79 -8.09 -17.87
N GLY B 20 -1.35 -7.06 -18.44
CA GLY B 20 -1.04 -5.68 -18.01
C GLY B 20 -1.41 -5.41 -16.56
N GLN B 21 -2.55 -5.93 -16.14
CA GLN B 21 -2.96 -5.80 -14.75
C GLN B 21 -2.00 -6.51 -13.79
N TYR B 22 -1.48 -7.66 -14.19
CA TYR B 22 -0.50 -8.36 -13.37
C TYR B 22 0.80 -7.59 -13.30
N LYS B 23 1.27 -7.05 -14.42
CA LYS B 23 2.48 -6.23 -14.44
C LYS B 23 2.34 -4.98 -13.57
N LYS B 24 1.16 -4.37 -13.59
CA LYS B 24 0.90 -3.21 -12.74
C LYS B 24 1.00 -3.59 -11.26
N ARG B 25 0.41 -4.72 -10.92
CA ARG B 25 0.43 -5.19 -9.52
C ARG B 25 1.88 -5.48 -9.08
N GLU B 26 2.71 -6.01 -9.97
CA GLU B 26 4.12 -6.21 -9.64
C GLU B 26 4.76 -4.90 -9.19
N LYS B 27 4.51 -3.82 -9.95
CA LYS B 27 5.05 -2.53 -9.58
C LYS B 27 4.48 -2.03 -8.25
N THR B 28 3.18 -2.24 -8.04
CA THR B 28 2.53 -1.87 -6.80
C THR B 28 3.21 -2.53 -5.62
N LEU B 29 3.53 -3.82 -5.75
CA LEU B 29 4.18 -4.56 -4.65
CA LEU B 29 4.14 -4.49 -4.62
C LEU B 29 5.56 -3.96 -4.31
N ALA B 30 6.31 -3.54 -5.35
CA ALA B 30 7.60 -2.94 -5.09
C ALA B 30 7.45 -1.65 -4.27
N TYR B 31 6.49 -0.83 -4.65
CA TYR B 31 6.19 0.40 -3.93
C TYR B 31 5.69 0.16 -2.51
N MET B 32 4.75 -0.78 -2.35
CA MET B 32 4.27 -1.07 -1.01
CA MET B 32 4.26 -1.15 -1.03
C MET B 32 5.37 -1.61 -0.11
N THR B 33 6.28 -2.42 -0.65
CA THR B 33 7.40 -2.90 0.15
C THR B 33 8.24 -1.72 0.64
N LYS B 34 8.52 -0.78 -0.26
CA LYS B 34 9.30 0.40 0.12
C LYS B 34 8.61 1.17 1.26
N ILE B 35 7.32 1.44 1.14
CA ILE B 35 6.66 2.22 2.20
C ILE B 35 6.51 1.43 3.51
N LEU B 36 6.40 0.10 3.44
CA LEU B 36 6.36 -0.71 4.66
C LEU B 36 7.72 -0.68 5.37
N GLU B 37 8.81 -0.80 4.61
CA GLU B 37 10.13 -0.63 5.18
C GLU B 37 10.28 0.71 5.86
N GLN B 38 9.84 1.78 5.20
CA GLN B 38 9.94 3.09 5.79
C GLN B 38 9.16 3.22 7.09
N GLY B 39 8.04 2.51 7.14
CA GLY B 39 7.23 2.51 8.36
C GLY B 39 7.94 1.85 9.53
N ILE B 40 8.46 0.64 9.31
CA ILE B 40 9.09 -0.10 10.41
C ILE B 40 10.39 0.59 10.87
N HIS B 41 11.07 1.31 9.99
CA HIS B 41 12.31 1.97 10.37
C HIS B 41 12.11 2.92 11.53
N GLU B 42 10.92 3.50 11.68
CA GLU B 42 10.71 4.50 12.72
C GLU B 42 11.05 3.96 14.10
N TYR B 43 10.76 2.68 14.36
CA TYR B 43 11.14 2.07 15.62
C TYR B 43 12.40 1.24 15.61
N TYR B 44 12.85 0.79 14.44
CA TYR B 44 14.19 0.24 14.38
C TYR B 44 15.24 1.28 14.83
N LYS B 45 14.93 2.55 14.60
CA LYS B 45 15.86 3.57 14.97
C LYS B 45 15.98 3.82 16.49
N SER B 46 15.01 3.31 17.26
CA SER B 46 15.02 3.58 18.67
CA SER B 46 14.83 3.58 18.69
C SER B 46 15.02 2.38 19.61
N PHE B 47 14.60 1.19 19.16
CA PHE B 47 14.52 -0.01 19.99
C PHE B 47 15.58 -1.02 19.58
N ASP B 48 15.89 -1.93 20.49
CA ASP B 48 16.78 -3.03 20.19
CA ASP B 48 16.79 -3.05 20.18
C ASP B 48 16.22 -3.94 19.07
N ASN B 49 17.09 -4.64 18.39
CA ASN B 49 16.68 -5.44 17.26
C ASN B 49 15.54 -6.42 17.57
N ASP B 50 15.64 -7.12 18.70
CA ASP B 50 14.62 -8.15 18.99
C ASP B 50 13.25 -7.50 19.16
N THR B 51 13.22 -6.37 19.84
CA THR B 51 11.97 -5.68 20.09
C THR B 51 11.40 -5.12 18.80
N ALA B 52 12.25 -4.45 18.02
CA ALA B 52 11.81 -3.84 16.75
C ALA B 52 11.30 -4.94 15.78
N ARG B 53 11.99 -6.07 15.70
CA ARG B 53 11.57 -7.14 14.82
C ARG B 53 10.21 -7.69 15.28
N LYS B 54 10.05 -7.90 16.59
CA LYS B 54 8.76 -8.39 17.10
CA LYS B 54 8.77 -8.38 17.11
C LYS B 54 7.63 -7.44 16.71
N MET B 55 7.88 -6.13 16.78
CA MET B 55 6.86 -5.15 16.38
C MET B 55 6.54 -5.21 14.89
N ALA B 56 7.58 -5.31 14.05
CA ALA B 56 7.38 -5.37 12.61
C ALA B 56 6.57 -6.60 12.23
N LEU B 57 6.92 -7.74 12.84
CA LEU B 57 6.23 -8.99 12.50
C LEU B 57 4.81 -9.05 13.06
N ASP B 58 4.57 -8.37 14.19
CA ASP B 58 3.22 -8.23 14.71
C ASP B 58 2.35 -7.39 13.74
N TYR B 59 2.94 -6.32 13.21
CA TYR B 59 2.29 -5.55 12.18
C TYR B 59 1.98 -6.40 10.94
N PHE B 60 2.99 -7.13 10.47
CA PHE B 60 2.78 -7.93 9.27
C PHE B 60 1.70 -9.00 9.50
N LYS B 61 1.60 -9.56 10.71
CA LYS B 61 0.48 -10.46 11.03
C LYS B 61 -0.83 -9.78 10.81
N ARG B 62 -0.95 -8.53 11.25
CA ARG B 62 -2.17 -7.78 11.06
CA ARG B 62 -2.18 -7.79 11.06
C ARG B 62 -2.49 -7.49 9.57
N ILE B 63 -1.48 -7.22 8.76
CA ILE B 63 -1.67 -7.07 7.32
C ILE B 63 -2.23 -8.38 6.77
N ASN B 64 -1.59 -9.50 7.07
CA ASN B 64 -2.07 -10.76 6.52
C ASN B 64 -3.50 -11.05 6.97
N ASP B 65 -3.78 -10.76 8.23
CA ASP B 65 -5.12 -11.01 8.79
C ASP B 65 -6.20 -10.16 8.14
N ASP B 66 -5.81 -9.04 7.53
CA ASP B 66 -6.74 -8.20 6.78
C ASP B 66 -7.30 -8.91 5.53
N LYS B 67 -6.57 -9.91 5.02
CA LYS B 67 -7.01 -10.69 3.87
C LYS B 67 -7.41 -9.82 2.70
N GLY B 68 -6.52 -8.85 2.42
CA GLY B 68 -6.72 -7.88 1.34
C GLY B 68 -5.72 -8.05 0.20
N MET B 69 -5.15 -6.93 -0.26
CA MET B 69 -4.36 -6.95 -1.47
C MET B 69 -3.09 -7.77 -1.35
N ILE B 70 -2.41 -7.66 -0.21
CA ILE B 70 -1.10 -8.22 -0.03
C ILE B 70 -1.01 -9.14 1.20
N TYR B 71 -0.06 -10.06 1.16
CA TYR B 71 0.31 -10.91 2.27
C TYR B 71 1.82 -10.92 2.33
N MET B 72 2.35 -10.72 3.53
CA MET B 72 3.80 -10.65 3.71
C MET B 72 4.38 -12.03 3.99
N VAL B 73 5.65 -12.18 3.61
CA VAL B 73 6.52 -13.29 4.00
C VAL B 73 7.88 -12.66 4.29
N VAL B 74 8.58 -13.12 5.33
CA VAL B 74 9.88 -12.55 5.67
C VAL B 74 10.88 -13.65 5.96
N VAL B 75 12.08 -13.54 5.40
CA VAL B 75 13.18 -14.42 5.70
C VAL B 75 14.40 -13.58 6.04
N ASP B 76 15.37 -14.18 6.71
CA ASP B 76 16.63 -13.49 6.93
C ASP B 76 17.57 -13.65 5.76
N LYS B 77 18.73 -12.98 5.82
CA LYS B 77 19.64 -12.94 4.69
C LYS B 77 20.16 -14.31 4.29
N ASN B 78 20.09 -15.26 5.20
CA ASN B 78 20.56 -16.61 4.95
C ASN B 78 19.45 -17.58 4.62
N GLY B 79 18.21 -17.07 4.56
CA GLY B 79 17.06 -17.89 4.22
C GLY B 79 16.34 -18.53 5.38
N VAL B 80 16.63 -18.16 6.62
CA VAL B 80 15.84 -18.61 7.77
C VAL B 80 14.47 -17.91 7.70
N VAL B 81 13.38 -18.69 7.79
CA VAL B 81 12.06 -18.11 7.70
C VAL B 81 11.73 -17.40 9.01
N LEU B 82 11.39 -16.11 8.91
CA LEU B 82 11.02 -15.32 10.06
C LEU B 82 9.52 -15.15 10.23
N PHE B 83 8.78 -15.15 9.12
CA PHE B 83 7.34 -14.87 9.18
C PHE B 83 6.70 -15.49 7.96
N ASP B 84 5.76 -16.41 8.19
CA ASP B 84 4.93 -17.00 7.14
C ASP B 84 3.76 -17.75 7.77
N PRO B 85 2.64 -17.05 8.04
CA PRO B 85 1.51 -17.72 8.68
C PRO B 85 0.87 -18.88 7.92
N VAL B 86 1.12 -18.95 6.62
CA VAL B 86 0.63 -20.08 5.81
C VAL B 86 1.39 -21.38 6.14
N ASN B 87 2.66 -21.23 6.49
CA ASN B 87 3.57 -22.33 6.73
C ASN B 87 4.27 -22.19 8.08
N PRO B 88 3.49 -22.23 9.17
CA PRO B 88 4.06 -21.86 10.47
C PRO B 88 5.17 -22.78 10.93
N LYS B 89 5.17 -24.03 10.48
CA LYS B 89 6.23 -24.97 10.90
C LYS B 89 7.60 -24.61 10.32
N THR B 90 7.61 -23.78 9.27
CA THR B 90 8.89 -23.39 8.68
C THR B 90 9.55 -22.24 9.45
N VAL B 91 8.80 -21.54 10.30
CA VAL B 91 9.34 -20.40 11.01
C VAL B 91 10.46 -20.83 11.96
N GLY B 92 11.60 -20.14 11.89
CA GLY B 92 12.76 -20.46 12.69
C GLY B 92 13.72 -21.47 12.11
N GLN B 93 13.31 -22.05 10.97
CA GLN B 93 14.09 -23.05 10.24
C GLN B 93 14.71 -22.42 9.00
N SER B 94 15.79 -23.01 8.49
CA SER B 94 16.22 -22.72 7.14
C SER B 94 15.13 -23.07 6.15
N GLY B 95 14.83 -22.09 5.29
CA GLY B 95 13.94 -22.32 4.16
C GLY B 95 14.60 -22.63 2.84
N LEU B 96 15.90 -22.85 2.85
CA LEU B 96 16.63 -23.02 1.60
C LEU B 96 16.16 -24.23 0.80
N ASP B 97 15.67 -25.28 1.46
CA ASP B 97 15.16 -26.45 0.73
C ASP B 97 13.63 -26.54 0.68
N ALA B 98 12.96 -25.47 1.13
CA ALA B 98 11.48 -25.40 1.08
C ALA B 98 11.05 -25.32 -0.38
N GLN B 99 10.09 -26.17 -0.75
CA GLN B 99 9.55 -26.17 -2.11
C GLN B 99 8.05 -26.00 -2.05
N SER B 100 7.56 -25.16 -2.93
CA SER B 100 6.13 -25.05 -3.15
C SER B 100 5.63 -26.33 -3.79
N VAL B 101 4.31 -26.48 -3.83
CA VAL B 101 3.71 -27.70 -4.42
C VAL B 101 4.01 -27.85 -5.90
N ASP B 102 4.26 -26.73 -6.60
CA ASP B 102 4.71 -26.75 -7.98
C ASP B 102 6.21 -26.77 -8.17
N GLY B 103 6.95 -27.10 -7.11
CA GLY B 103 8.36 -27.41 -7.24
C GLY B 103 9.30 -26.23 -7.23
N VAL B 104 8.85 -25.07 -6.76
CA VAL B 104 9.69 -23.88 -6.74
C VAL B 104 10.33 -23.70 -5.36
N TYR B 105 11.65 -23.49 -5.34
CA TYR B 105 12.36 -23.19 -4.11
C TYR B 105 12.11 -21.72 -3.83
N TYR B 106 10.98 -21.43 -3.19
CA TYR B 106 10.52 -20.06 -3.10
C TYR B 106 11.43 -19.17 -2.27
N VAL B 107 12.05 -19.71 -1.21
CA VAL B 107 12.96 -18.89 -0.42
C VAL B 107 14.25 -18.57 -1.20
N ARG B 108 14.73 -19.53 -1.96
CA ARG B 108 15.86 -19.26 -2.86
C ARG B 108 15.48 -18.16 -3.84
N GLY B 109 14.24 -18.17 -4.32
CA GLY B 109 13.76 -17.12 -5.21
C GLY B 109 13.78 -15.76 -4.50
N TYR B 110 13.28 -15.70 -3.26
CA TYR B 110 13.27 -14.43 -2.55
C TYR B 110 14.70 -13.86 -2.46
N LEU B 111 15.63 -14.72 -2.14
CA LEU B 111 17.02 -14.31 -1.92
C LEU B 111 17.70 -13.91 -3.24
N GLU B 112 17.46 -14.64 -4.33
CA GLU B 112 18.06 -14.28 -5.62
CA GLU B 112 18.00 -14.31 -5.66
C GLU B 112 17.52 -12.92 -6.08
N ALA B 113 16.21 -12.68 -5.91
CA ALA B 113 15.61 -11.41 -6.28
C ALA B 113 16.22 -10.29 -5.42
N ALA B 114 16.38 -10.56 -4.12
CA ALA B 114 16.90 -9.54 -3.23
C ALA B 114 18.34 -9.18 -3.58
N LYS B 115 19.13 -10.19 -3.96
CA LYS B 115 20.54 -9.96 -4.32
CA LYS B 115 20.55 -9.95 -4.29
C LYS B 115 20.69 -9.02 -5.51
N LYS B 116 19.69 -9.03 -6.40
CA LYS B 116 19.65 -8.16 -7.59
C LYS B 116 19.13 -6.76 -7.31
N GLY B 117 18.77 -6.48 -6.06
CA GLY B 117 18.19 -5.20 -5.70
C GLY B 117 16.68 -5.17 -5.57
N GLY B 118 16.07 -6.36 -5.71
CA GLY B 118 14.62 -6.51 -5.67
C GLY B 118 14.16 -7.23 -6.90
N GLY B 119 13.15 -8.06 -6.74
CA GLY B 119 12.60 -8.79 -7.86
C GLY B 119 11.52 -9.76 -7.46
N TYR B 120 11.19 -10.64 -8.40
CA TYR B 120 9.97 -11.46 -8.33
C TYR B 120 10.24 -12.96 -8.28
N THR B 121 9.35 -13.66 -7.56
CA THR B 121 9.33 -15.12 -7.49
C THR B 121 7.88 -15.57 -7.70
N TYR B 122 7.71 -16.61 -8.53
CA TYR B 122 6.39 -17.07 -8.99
C TYR B 122 6.20 -18.53 -8.58
N TYR B 123 5.13 -18.82 -7.85
CA TYR B 123 4.94 -20.14 -7.29
C TYR B 123 3.48 -20.30 -6.87
N LYS B 124 3.10 -21.53 -6.50
CA LYS B 124 1.76 -21.81 -6.02
C LYS B 124 1.81 -22.01 -4.51
N MET B 125 0.77 -21.52 -3.80
CA MET B 125 0.75 -21.63 -2.35
C MET B 125 -0.67 -21.36 -1.89
N PRO B 126 -1.09 -21.98 -0.77
CA PRO B 126 -2.40 -21.57 -0.25
C PRO B 126 -2.41 -20.13 0.23
N LYS B 127 -3.62 -19.60 0.43
CA LYS B 127 -3.79 -18.30 1.08
C LYS B 127 -3.72 -18.39 2.61
N TYR B 128 -3.96 -19.58 3.13
CA TYR B 128 -3.91 -19.84 4.57
C TYR B 128 -3.52 -21.27 4.79
N ASP B 129 -3.04 -21.57 5.99
CA ASP B 129 -2.55 -22.89 6.34
C ASP B 129 -3.66 -23.91 6.16
N GLY B 130 -3.43 -24.87 5.28
CA GLY B 130 -4.39 -25.89 4.99
C GLY B 130 -5.36 -25.63 3.86
N GLY B 131 -5.21 -24.48 3.19
CA GLY B 131 -6.07 -24.12 2.10
C GLY B 131 -5.64 -24.74 0.76
N VAL B 132 -6.48 -24.56 -0.24
CA VAL B 132 -6.13 -25.00 -1.62
C VAL B 132 -5.00 -24.11 -2.18
N PRO B 133 -3.97 -24.72 -2.77
CA PRO B 133 -2.92 -23.89 -3.38
C PRO B 133 -3.42 -23.07 -4.56
N GLU B 134 -2.91 -21.87 -4.65
CA GLU B 134 -3.18 -21.16 -5.85
CA GLU B 134 -3.28 -20.84 -5.64
C GLU B 134 -2.00 -20.27 -6.25
N LYS B 135 -2.02 -19.90 -7.51
CA LYS B 135 -0.89 -19.21 -8.09
C LYS B 135 -0.72 -17.82 -7.48
N LYS B 136 0.53 -17.48 -7.20
CA LYS B 136 0.86 -16.15 -6.62
C LYS B 136 2.22 -15.70 -7.08
N PHE B 137 2.56 -14.47 -6.68
CA PHE B 137 3.92 -13.99 -6.85
CA PHE B 137 3.92 -13.98 -6.86
C PHE B 137 4.33 -13.12 -5.68
N ALA B 138 5.63 -13.03 -5.51
CA ALA B 138 6.26 -12.27 -4.44
C ALA B 138 7.23 -11.27 -5.02
N TYR B 139 7.19 -10.04 -4.51
CA TYR B 139 8.29 -9.11 -4.66
C TYR B 139 9.10 -9.14 -3.38
N SER B 140 10.40 -9.37 -3.47
CA SER B 140 11.25 -9.38 -2.30
C SER B 140 12.34 -8.33 -2.44
N HIS B 141 12.83 -7.87 -1.29
CA HIS B 141 13.83 -6.82 -1.20
C HIS B 141 14.55 -6.96 0.12
N TYR B 142 15.86 -6.79 0.11
CA TYR B 142 16.65 -6.77 1.33
C TYR B 142 16.67 -5.38 1.94
N ASP B 143 16.05 -5.28 3.12
CA ASP B 143 15.98 -4.05 3.87
C ASP B 143 17.23 -3.95 4.74
N GLU B 144 18.18 -3.07 4.41
CA GLU B 144 19.44 -3.01 5.19
C GLU B 144 19.24 -2.60 6.63
N VAL B 145 18.30 -1.69 6.92
CA VAL B 145 18.09 -1.27 8.30
C VAL B 145 17.66 -2.41 9.21
N SER B 146 16.65 -3.19 8.81
CA SER B 146 16.16 -4.31 9.61
C SER B 146 16.93 -5.60 9.38
N GLN B 147 17.72 -5.64 8.31
CA GLN B 147 18.43 -6.83 7.88
C GLN B 147 17.48 -8.01 7.63
N MET B 148 16.32 -7.70 7.09
CA MET B 148 15.37 -8.72 6.69
C MET B 148 15.15 -8.66 5.19
N VAL B 149 14.91 -9.83 4.59
CA VAL B 149 14.42 -9.95 3.22
C VAL B 149 12.90 -9.98 3.36
N ILE B 150 12.28 -8.87 2.97
CA ILE B 150 10.84 -8.65 3.10
C ILE B 150 10.17 -8.91 1.75
N ALA B 151 9.17 -9.79 1.75
CA ALA B 151 8.41 -10.10 0.55
C ALA B 151 6.94 -9.68 0.70
N ALA B 152 6.48 -8.81 -0.19
CA ALA B 152 5.08 -8.53 -0.36
C ALA B 152 4.57 -9.45 -1.45
N THR B 153 3.42 -10.09 -1.23
CA THR B 153 2.92 -11.09 -2.14
C THR B 153 1.46 -10.84 -2.47
N SER B 154 1.05 -11.28 -3.66
CA SER B 154 -0.34 -11.24 -4.08
C SER B 154 -0.69 -12.50 -4.87
N TYR B 155 -1.97 -12.84 -4.79
CA TYR B 155 -2.54 -14.00 -5.46
C TYR B 155 -3.27 -13.56 -6.72
N TYR B 156 -3.06 -14.29 -7.82
CA TYR B 156 -3.72 -13.92 -9.08
C TYR B 156 -5.26 -13.89 -8.95
N THR B 157 -5.85 -14.82 -8.19
CA THR B 157 -7.29 -14.81 -7.97
CA THR B 157 -7.25 -14.81 -8.03
C THR B 157 -7.76 -13.47 -7.44
N ASP B 158 -6.99 -12.90 -6.51
CA ASP B 158 -7.36 -11.63 -5.88
C ASP B 158 -7.24 -10.47 -6.86
N ILE B 159 -6.18 -10.48 -7.69
CA ILE B 159 -6.01 -9.45 -8.68
C ILE B 159 -7.21 -9.50 -9.63
N ASN B 160 -7.60 -10.71 -10.05
CA ASN B 160 -8.73 -10.86 -10.94
C ASN B 160 -10.02 -10.34 -10.29
N THR B 161 -10.22 -10.66 -9.02
CA THR B 161 -11.38 -10.14 -8.29
C THR B 161 -11.43 -8.61 -8.30
N GLU B 162 -10.29 -8.01 -7.99
CA GLU B 162 -10.22 -6.57 -7.93
C GLU B 162 -10.50 -5.91 -9.26
N ASN B 163 -10.17 -6.62 -10.33
CA ASN B 163 -10.32 -6.11 -11.70
C ASN B 163 -11.58 -6.61 -12.39
N LYS B 164 -12.50 -7.25 -11.68
CA LYS B 164 -13.67 -7.86 -12.28
C LYS B 164 -14.63 -6.81 -12.85
N ALA B 165 -14.81 -5.68 -12.17
CA ALA B 165 -15.73 -4.67 -12.67
C ALA B 165 -15.16 -4.06 -13.95
N ILE B 166 -13.84 -3.86 -14.01
CA ILE B 166 -13.20 -3.39 -15.25
C ILE B 166 -13.42 -4.38 -16.41
N LYS B 167 -13.26 -5.67 -16.12
CA LYS B 167 -13.44 -6.72 -17.12
C LYS B 167 -14.86 -6.72 -17.61
N GLU B 168 -15.82 -6.58 -16.69
CA GLU B 168 -17.23 -6.64 -17.05
C GLU B 168 -17.60 -5.41 -17.89
N GLY B 169 -16.99 -4.27 -17.61
CA GLY B 169 -17.23 -3.05 -18.41
C GLY B 169 -16.71 -3.17 -19.82
N VAL B 170 -15.53 -3.76 -20.00
CA VAL B 170 -14.98 -4.04 -21.32
C VAL B 170 -15.93 -4.99 -22.07
N ASN B 171 -16.38 -6.03 -21.37
CA ASN B 171 -17.34 -6.99 -21.96
C ASN B 171 -18.68 -6.37 -22.37
N LYS B 172 -19.21 -5.48 -21.55
CA LYS B 172 -20.46 -4.77 -21.88
C LYS B 172 -20.31 -3.92 -23.15
N VAL B 173 -19.17 -3.26 -23.30
CA VAL B 173 -18.92 -2.43 -24.48
C VAL B 173 -18.86 -3.31 -25.75
N PHE B 174 -18.55 -4.59 -25.59
CA PHE B 174 -18.90 -5.60 -26.61
C PHE B 174 -20.24 -6.24 -26.27
O2 NHY C . -4.24 17.60 -0.85
O2 NHY C . -4.09 17.07 -1.15
C NHY C . -3.75 18.41 -0.05
C NHY C . -3.66 18.02 -0.54
N2 NHY C . -4.48 19.03 0.88
N2 NHY C . -2.34 18.38 -0.59
N1 NHY C . -2.46 18.79 -0.14
N1 NHY C . -4.57 18.69 0.18
O1 NHY C . -1.67 18.22 -1.11
O1 NHY C . -4.26 19.81 0.91
S SO4 D . -5.06 -2.96 14.51
O1 SO4 D . -5.45 -3.87 13.46
O2 SO4 D . -5.16 -3.66 15.80
O3 SO4 D . -3.73 -2.35 14.44
O4 SO4 D . -6.12 -1.90 14.56
C1 GOL E . -11.02 1.93 13.62
O1 GOL E . -12.06 2.59 12.98
C2 GOL E . -10.25 2.91 14.47
O2 GOL E . -10.72 4.21 14.33
C3 GOL E . -8.79 2.81 14.11
O3 GOL E . -8.55 2.87 12.70
C1 GOL F . -8.20 0.49 12.05
O1 GOL F . -7.40 1.59 12.22
C2 GOL F . -7.14 -0.42 11.56
O2 GOL F . -6.76 0.11 10.33
C3 GOL F . -7.67 -1.83 11.48
O3 GOL F . -8.94 -1.80 10.84
C1 GOL G . 2.79 7.12 -9.89
O1 GOL G . 2.85 6.02 -9.03
C2 GOL G . 4.14 7.28 -10.57
O2 GOL G . 4.49 6.12 -11.30
C3 GOL G . 4.13 8.45 -11.51
O3 GOL G . 5.47 8.93 -11.56
S SO4 H . -4.57 0.79 -8.60
O1 SO4 H . -4.83 -0.27 -9.54
O2 SO4 H . -5.41 0.71 -7.44
O3 SO4 H . -3.20 0.54 -8.16
O4 SO4 H . -4.61 2.07 -9.31
O2 NHY I . 4.03 -17.51 0.16
O2 NHY I . 3.58 -17.00 -0.04
C NHY I . 4.37 -18.05 1.23
C NHY I . 3.90 -17.73 0.87
N2 NHY I . 5.66 -18.42 1.42
N2 NHY I . 3.06 -18.00 1.94
N1 NHY I . 3.46 -18.33 2.18
N1 NHY I . 5.11 -18.31 0.77
O1 NHY I . 2.14 -17.96 1.96
O1 NHY I . 5.59 -19.17 1.72
C1 GOL J . -3.57 -15.37 8.27
O1 GOL J . -4.70 -14.71 8.81
C2 GOL J . -3.99 -16.15 7.04
O2 GOL J . -2.90 -16.92 6.59
C3 GOL J . -4.46 -15.15 5.97
O3 GOL J . -4.76 -15.84 4.77
S SO4 K . -3.08 -2.92 -8.73
O1 SO4 K . -3.46 -4.31 -8.93
O2 SO4 K . -3.85 -2.39 -7.62
O3 SO4 K . -1.72 -2.63 -8.39
O4 SO4 K . -3.55 -2.14 -9.84
C1 GOL L . 13.83 3.16 2.03
O1 GOL L . 14.19 3.25 3.36
C2 GOL L . 13.60 1.69 1.72
O2 GOL L . 12.23 1.52 1.68
C3 GOL L . 14.23 0.75 2.73
O3 GOL L . 15.02 -0.36 2.24
#